data_6JNM
#
_entry.id   6JNM
#
_cell.length_a   88.516
_cell.length_b   88.516
_cell.length_c   72.330
_cell.angle_alpha   90.00
_cell.angle_beta   90.00
_cell.angle_gamma   90.00
#
_symmetry.space_group_name_H-M   'P 43'
#
loop_
_entity.id
_entity.type
_entity.pdbx_description
1 polymer 'Lysine-specific demethylase REF6'
2 polymer "DNA (5'-D(*TP*TP*CP*TP*(5CM)P*TP*GP*TP*TP*TP*TP*G)-3')"
3 polymer "DNA (5'-D(*CP*AP*AP*AP*AP*CP*AP*GP*AP*GP*AP*A)-3')"
4 non-polymer 'ZINC ION'
5 water water
#
loop_
_entity_poly.entity_id
_entity_poly.type
_entity_poly.pdbx_seq_one_letter_code
_entity_poly.pdbx_strand_id
1 'polypeptide(L)'
;LMLHKRNICPIKGCGKNFFSHKYLVQHQRVHSDDRPLKCPWKGCKMTFKWAWSRTEHIRVHTGARPYVCAEPDCGQTFRF
VSDFSRHKRKTGHSVKKTNKR
;
A,B
2 'polydeoxyribonucleotide' (DT)(DT)(DC)(DT)(5CM)(DT)(DG)(DT)(DT)(DT)(DT)(DG) D,F
3 'polydeoxyribonucleotide' (DC)(DA)(DA)(DA)(DA)(DC)(DA)(DG)(DA)(DG)(DA)(DA) C,E
#
# COMPACT_ATOMS: atom_id res chain seq x y z
N ARG A 6 8.46 -2.20 -22.58
CA ARG A 6 8.67 -1.92 -21.14
C ARG A 6 9.06 -0.43 -21.06
N ASN A 7 8.06 0.37 -21.45
CA ASN A 7 7.83 1.78 -21.05
C ASN A 7 8.89 2.78 -21.50
N ILE A 8 8.95 2.91 -22.80
CA ILE A 8 10.01 3.65 -23.46
C ILE A 8 9.41 4.96 -23.84
N CYS A 9 10.17 6.03 -23.59
CA CYS A 9 9.65 7.35 -23.83
C CYS A 9 9.92 7.62 -25.28
N PRO A 10 8.90 8.05 -25.99
CA PRO A 10 9.06 8.23 -27.44
C PRO A 10 9.65 9.54 -27.80
N ILE A 11 9.69 10.50 -26.87
CA ILE A 11 10.14 11.83 -27.27
C ILE A 11 11.59 11.82 -27.86
N LYS A 12 11.79 12.68 -28.85
CA LYS A 12 13.03 12.74 -29.64
C LYS A 12 14.16 13.10 -28.69
N GLY A 13 15.25 12.32 -28.73
CA GLY A 13 16.44 12.51 -27.89
C GLY A 13 16.27 12.18 -26.40
N CYS A 14 15.20 11.50 -25.97
CA CYS A 14 15.06 11.02 -24.59
C CYS A 14 15.35 9.50 -24.64
N GLY A 15 14.38 8.78 -25.21
CA GLY A 15 14.27 7.32 -25.21
C GLY A 15 14.63 6.63 -23.93
N LYS A 16 14.30 7.22 -22.78
CA LYS A 16 14.53 6.54 -21.53
C LYS A 16 13.49 5.42 -21.39
N ASN A 17 13.77 4.41 -20.57
CA ASN A 17 12.80 3.33 -20.35
C ASN A 17 12.52 3.39 -18.86
N PHE A 18 11.33 3.03 -18.42
CA PHE A 18 10.93 3.21 -17.04
C PHE A 18 10.40 1.93 -16.46
N PHE A 19 10.41 1.90 -15.15
CA PHE A 19 9.96 0.76 -14.41
C PHE A 19 8.47 0.49 -14.61
N SER A 20 7.70 1.49 -15.04
CA SER A 20 6.26 1.39 -15.05
C SER A 20 5.69 2.32 -16.09
N HIS A 21 4.47 2.02 -16.53
CA HIS A 21 3.80 2.80 -17.53
C HIS A 21 3.35 4.10 -16.91
N LYS A 22 2.82 4.00 -15.68
CA LYS A 22 2.27 5.13 -14.97
C LYS A 22 3.35 6.23 -14.77
N TYR A 23 4.60 5.82 -14.51
CA TYR A 23 5.73 6.81 -14.40
C TYR A 23 6.12 7.39 -15.77
N LEU A 24 6.11 6.53 -16.80
CA LEU A 24 6.27 7.00 -18.14
C LEU A 24 5.36 8.16 -18.46
N VAL A 25 4.09 8.11 -18.04
CA VAL A 25 3.22 9.24 -18.25
C VAL A 25 3.60 10.45 -17.39
N GLN A 26 3.78 10.27 -16.07
CA GLN A 26 4.27 11.40 -15.20
C GLN A 26 5.60 12.03 -15.66
N HIS A 27 6.49 11.20 -16.15
CA HIS A 27 7.74 11.66 -16.77
C HIS A 27 7.61 12.68 -17.88
N GLN A 28 6.51 12.60 -18.63
CA GLN A 28 6.26 13.55 -19.70
C GLN A 28 6.27 14.98 -19.27
N ARG A 29 6.06 15.28 -17.97
CA ARG A 29 6.12 16.69 -17.54
C ARG A 29 7.54 17.27 -17.71
N VAL A 30 8.53 16.39 -17.75
CA VAL A 30 9.88 16.89 -18.01
C VAL A 30 9.94 17.48 -19.44
N HIS A 31 9.17 16.96 -20.37
CA HIS A 31 9.23 17.46 -21.76
C HIS A 31 8.25 18.64 -22.04
N SER A 32 7.53 19.14 -21.03
CA SER A 32 6.73 20.37 -21.15
C SER A 32 7.27 21.52 -20.24
N ASP A 33 6.98 22.78 -20.56
CA ASP A 33 7.41 23.95 -19.77
C ASP A 33 6.43 24.46 -18.70
N ASP A 34 5.38 23.73 -18.49
CA ASP A 34 4.49 24.00 -17.42
C ASP A 34 5.17 23.68 -16.10
N ARG A 35 4.89 24.54 -15.15
CA ARG A 35 5.48 24.47 -13.79
C ARG A 35 4.29 24.66 -12.90
N PRO A 36 3.50 23.60 -12.72
CA PRO A 36 2.20 23.78 -12.03
C PRO A 36 2.28 24.03 -10.50
N LEU A 37 3.42 23.82 -9.83
CA LEU A 37 3.45 23.94 -8.37
C LEU A 37 4.13 25.23 -8.02
N LYS A 38 3.67 25.84 -6.94
CA LYS A 38 4.08 27.17 -6.56
C LYS A 38 4.68 27.07 -5.20
N CYS A 39 5.61 27.95 -4.90
CA CYS A 39 6.18 28.02 -3.57
C CYS A 39 5.16 28.72 -2.72
N PRO A 40 4.91 28.25 -1.48
CA PRO A 40 3.95 28.99 -0.70
C PRO A 40 4.52 30.20 0.07
N TRP A 41 5.77 30.55 -0.06
CA TRP A 41 6.34 31.56 0.78
C TRP A 41 6.01 32.85 0.12
N LYS A 42 5.61 33.80 0.93
CA LYS A 42 5.09 35.03 0.39
C LYS A 42 6.14 35.80 -0.36
N GLY A 43 5.81 36.21 -1.57
CA GLY A 43 6.77 36.88 -2.44
C GLY A 43 7.65 36.01 -3.32
N CYS A 44 7.72 34.70 -3.10
CA CYS A 44 8.72 33.92 -3.79
C CYS A 44 8.10 33.52 -5.11
N LYS A 45 8.82 33.65 -6.21
CA LYS A 45 8.27 33.30 -7.51
C LYS A 45 8.61 31.92 -7.99
N MET A 46 9.35 31.15 -7.21
CA MET A 46 9.77 29.82 -7.68
C MET A 46 8.56 28.95 -7.95
N THR A 47 8.66 28.16 -8.99
CA THR A 47 7.63 27.17 -9.34
C THR A 47 8.34 25.89 -9.61
N PHE A 48 7.60 24.80 -9.65
CA PHE A 48 8.13 23.48 -9.75
C PHE A 48 7.28 22.59 -10.64
N LYS A 49 7.90 21.50 -11.03
CA LYS A 49 7.20 20.43 -11.63
C LYS A 49 7.02 19.28 -10.71
N TRP A 50 7.93 19.11 -9.71
CA TRP A 50 7.83 17.95 -8.85
C TRP A 50 7.59 18.41 -7.40
N ALA A 51 6.70 17.69 -6.73
CA ALA A 51 6.30 17.97 -5.35
C ALA A 51 7.55 17.90 -4.37
N TRP A 52 8.39 16.91 -4.54
CA TRP A 52 9.58 16.81 -3.70
C TRP A 52 10.49 18.05 -3.84
N SER A 53 10.61 18.55 -5.06
CA SER A 53 11.36 19.72 -5.32
C SER A 53 10.83 20.94 -4.51
N ARG A 54 9.51 21.12 -4.48
CA ARG A 54 8.90 22.15 -3.65
C ARG A 54 9.15 21.92 -2.15
N THR A 55 9.04 20.70 -1.73
CA THR A 55 9.32 20.39 -0.33
C THR A 55 10.72 20.79 0.12
N GLU A 56 11.73 20.41 -0.67
CA GLU A 56 13.11 20.70 -0.26
C GLU A 56 13.32 22.20 -0.34
N HIS A 57 12.73 22.83 -1.35
CA HIS A 57 12.89 24.23 -1.55
C HIS A 57 12.41 25.09 -0.37
N ILE A 58 11.31 24.66 0.21
CA ILE A 58 10.75 25.42 1.31
C ILE A 58 11.75 25.53 2.46
N ARG A 59 12.62 24.55 2.59
CA ARG A 59 13.66 24.61 3.63
C ARG A 59 14.65 25.72 3.47
N VAL A 60 14.84 26.18 2.24
CA VAL A 60 15.66 27.36 1.97
C VAL A 60 15.08 28.59 2.66
N HIS A 61 13.77 28.76 2.66
CA HIS A 61 13.12 29.85 3.42
C HIS A 61 13.16 29.62 4.92
N THR A 62 12.88 28.42 5.40
CA THR A 62 12.70 28.23 6.81
C THR A 62 14.06 28.03 7.50
N GLY A 63 15.09 27.60 6.81
CA GLY A 63 16.35 27.43 7.46
C GLY A 63 16.43 26.07 8.14
N ALA A 64 15.40 25.25 8.06
CA ALA A 64 15.44 23.96 8.72
C ALA A 64 16.56 22.99 8.24
N ARG A 65 16.97 22.10 9.12
CA ARG A 65 17.91 21.07 8.82
C ARG A 65 17.34 19.77 9.36
N PRO A 66 16.30 19.23 8.69
CA PRO A 66 15.61 18.13 9.35
C PRO A 66 16.36 16.80 9.30
N TYR A 67 17.42 16.64 8.55
CA TYR A 67 18.09 15.36 8.50
C TYR A 67 19.17 15.36 9.55
N VAL A 68 19.01 14.51 10.57
CA VAL A 68 19.85 14.50 11.79
C VAL A 68 20.51 13.16 11.87
N CYS A 69 21.83 13.06 11.59
CA CYS A 69 22.59 11.77 11.70
C CYS A 69 22.44 11.17 13.10
N ALA A 70 22.07 9.90 13.17
CA ALA A 70 21.85 9.21 14.43
C ALA A 70 23.10 8.49 14.93
N GLU A 71 24.16 8.35 14.13
CA GLU A 71 25.39 7.67 14.54
C GLU A 71 25.89 8.23 15.88
N PRO A 72 26.16 7.36 16.88
CA PRO A 72 26.64 7.89 18.14
C PRO A 72 27.80 8.90 17.98
N ASP A 73 27.60 10.09 18.59
CA ASP A 73 28.54 11.25 18.57
C ASP A 73 28.84 11.96 17.20
N CYS A 74 28.04 11.71 16.16
CA CYS A 74 28.28 12.32 14.82
C CYS A 74 27.77 13.72 14.96
N GLY A 75 26.49 13.85 15.31
CA GLY A 75 25.88 15.12 15.55
C GLY A 75 25.62 15.97 14.30
N GLN A 76 25.94 15.50 13.11
CA GLN A 76 25.77 16.35 11.97
C GLN A 76 24.30 16.45 11.53
N THR A 77 23.96 17.61 10.99
CA THR A 77 22.64 17.77 10.43
C THR A 77 22.70 18.30 9.00
N PHE A 78 21.61 18.11 8.22
CA PHE A 78 21.59 18.47 6.81
C PHE A 78 20.23 19.05 6.40
N ARG A 79 20.24 20.01 5.48
CA ARG A 79 19.06 20.63 4.98
C ARG A 79 18.43 19.78 3.88
N PHE A 80 19.24 19.07 3.10
CA PHE A 80 18.73 18.43 1.89
C PHE A 80 19.02 16.96 1.90
N VAL A 81 18.05 16.20 1.43
CA VAL A 81 18.14 14.77 1.53
C VAL A 81 19.36 14.17 0.85
N SER A 82 19.69 14.70 -0.30
CA SER A 82 20.84 14.21 -1.04
C SER A 82 22.15 14.38 -0.23
N ASP A 83 22.23 15.46 0.55
CA ASP A 83 23.46 15.73 1.30
C ASP A 83 23.56 14.74 2.48
N PHE A 84 22.42 14.39 3.05
CA PHE A 84 22.37 13.41 4.13
C PHE A 84 22.73 12.04 3.57
N SER A 85 22.14 11.68 2.42
CA SER A 85 22.56 10.46 1.71
C SER A 85 24.08 10.41 1.43
N ARG A 86 24.65 11.54 1.03
CA ARG A 86 26.06 11.59 0.76
C ARG A 86 26.91 11.29 2.01
N HIS A 87 26.52 11.90 3.12
CA HIS A 87 27.16 11.70 4.38
C HIS A 87 27.09 10.21 4.79
N LYS A 88 25.94 9.61 4.66
CA LYS A 88 25.77 8.19 4.96
C LYS A 88 26.69 7.36 4.10
N ARG A 89 26.74 7.63 2.82
CA ARG A 89 27.52 6.84 1.91
C ARG A 89 29.01 6.98 2.22
N LYS A 90 29.44 8.17 2.64
CA LYS A 90 30.86 8.43 2.82
C LYS A 90 31.33 7.90 4.15
N THR A 91 30.52 8.04 5.18
CA THR A 91 30.90 7.66 6.49
C THR A 91 30.46 6.27 6.91
N GLY A 92 29.50 5.63 6.27
CA GLY A 92 28.81 4.41 6.83
C GLY A 92 27.82 4.66 7.97
N HIS A 93 27.55 5.92 8.33
CA HIS A 93 26.55 6.21 9.42
C HIS A 93 25.11 5.81 9.00
N SER A 94 24.30 5.30 9.94
CA SER A 94 23.07 4.49 9.66
C SER A 94 23.32 3.27 8.79
N ARG D 6 -1.51 -3.48 22.10
CA ARG D 6 -2.71 -4.01 22.84
C ARG D 6 -3.91 -3.13 22.56
N ASN D 7 -4.90 -3.73 21.92
CA ASN D 7 -6.15 -3.08 21.52
C ASN D 7 -7.17 -4.07 21.94
N ILE D 8 -7.62 -3.90 23.18
CA ILE D 8 -8.33 -4.95 23.89
C ILE D 8 -9.79 -4.63 23.79
N CYS D 9 -10.57 -5.68 23.54
CA CYS D 9 -11.94 -5.43 23.30
C CYS D 9 -12.61 -5.42 24.64
N PRO D 10 -13.42 -4.41 24.90
CA PRO D 10 -13.92 -4.26 26.25
C PRO D 10 -15.16 -5.11 26.48
N ILE D 11 -15.72 -5.70 25.43
CA ILE D 11 -17.02 -6.37 25.60
C ILE D 11 -16.91 -7.60 26.58
N LYS D 12 -17.95 -7.80 27.38
CA LYS D 12 -17.92 -8.85 28.39
C LYS D 12 -17.86 -10.21 27.72
N GLY D 13 -16.95 -11.06 28.22
CA GLY D 13 -16.66 -12.38 27.67
C GLY D 13 -15.94 -12.42 26.32
N CYS D 14 -15.43 -11.28 25.78
CA CYS D 14 -14.57 -11.21 24.57
C CYS D 14 -13.16 -11.06 25.18
N GLY D 15 -12.79 -9.83 25.53
CA GLY D 15 -11.41 -9.43 25.84
C GLY D 15 -10.37 -9.96 24.89
N LYS D 16 -10.62 -10.02 23.59
CA LYS D 16 -9.54 -10.41 22.71
C LYS D 16 -8.72 -9.16 22.47
N ASN D 17 -7.46 -9.32 22.13
CA ASN D 17 -6.63 -8.17 21.81
C ASN D 17 -6.31 -8.32 20.34
N PHE D 18 -6.00 -7.22 19.68
CA PHE D 18 -5.94 -7.19 18.22
C PHE D 18 -4.72 -6.47 17.81
N PHE D 19 -4.25 -6.85 16.63
CA PHE D 19 -3.03 -6.33 16.10
C PHE D 19 -3.09 -4.80 15.93
N SER D 20 -4.28 -4.20 15.90
CA SER D 20 -4.44 -2.82 15.50
C SER D 20 -5.75 -2.26 16.04
N HIS D 21 -5.79 -0.94 16.27
CA HIS D 21 -6.99 -0.27 16.79
C HIS D 21 -8.08 -0.32 15.75
N LYS D 22 -7.66 -0.09 14.51
CA LYS D 22 -8.62 -0.06 13.44
C LYS D 22 -9.40 -1.38 13.35
N TYR D 23 -8.73 -2.51 13.57
CA TYR D 23 -9.40 -3.85 13.48
C TYR D 23 -10.27 -4.02 14.73
N LEU D 24 -9.75 -3.58 15.87
CA LEU D 24 -10.55 -3.55 17.08
C LEU D 24 -11.92 -2.96 16.82
N VAL D 25 -12.01 -1.89 16.02
CA VAL D 25 -13.35 -1.34 15.82
C VAL D 25 -14.15 -2.14 14.81
N GLN D 26 -13.52 -2.60 13.74
CA GLN D 26 -14.23 -3.52 12.82
C GLN D 26 -14.72 -4.78 13.50
N HIS D 27 -13.92 -5.29 14.42
CA HIS D 27 -14.30 -6.46 15.23
C HIS D 27 -15.63 -6.32 15.96
N GLN D 28 -15.99 -5.08 16.34
CA GLN D 28 -17.22 -4.83 17.09
C GLN D 28 -18.45 -5.35 16.38
N ARG D 29 -18.37 -5.55 15.05
CA ARG D 29 -19.53 -6.05 14.32
C ARG D 29 -19.89 -7.50 14.77
N VAL D 30 -18.91 -8.17 15.32
CA VAL D 30 -19.13 -9.51 15.85
C VAL D 30 -20.16 -9.45 16.99
N HIS D 31 -20.12 -8.37 17.77
CA HIS D 31 -20.99 -8.22 18.96
C HIS D 31 -22.32 -7.50 18.64
N SER D 32 -22.58 -7.19 17.37
CA SER D 32 -23.86 -6.64 16.94
C SER D 32 -24.56 -7.67 16.04
N ASP D 33 -25.88 -7.62 15.97
CA ASP D 33 -26.69 -8.54 15.17
C ASP D 33 -27.03 -8.05 13.75
N ASP D 34 -26.58 -6.87 13.41
CA ASP D 34 -26.66 -6.35 12.09
C ASP D 34 -25.89 -7.25 11.11
N ARG D 35 -26.48 -7.42 9.96
CA ARG D 35 -25.94 -8.27 8.87
C ARG D 35 -26.11 -7.46 7.62
N PRO D 36 -25.25 -6.45 7.42
CA PRO D 36 -25.49 -5.49 6.34
C PRO D 36 -25.16 -5.93 4.90
N LEU D 37 -24.55 -7.09 4.67
CA LEU D 37 -24.15 -7.47 3.29
C LEU D 37 -25.14 -8.50 2.89
N LYS D 38 -25.51 -8.51 1.62
CA LYS D 38 -26.62 -9.37 1.15
C LYS D 38 -26.07 -10.18 0.01
N CYS D 39 -26.60 -11.38 -0.18
CA CYS D 39 -26.17 -12.22 -1.27
C CYS D 39 -26.79 -11.63 -2.53
N PRO D 40 -26.06 -11.59 -3.67
CA PRO D 40 -26.68 -11.04 -4.85
C PRO D 40 -27.51 -12.04 -5.60
N TRP D 41 -27.56 -13.28 -5.23
CA TRP D 41 -28.22 -14.26 -6.05
C TRP D 41 -29.71 -14.14 -5.85
N LYS D 42 -30.42 -14.18 -6.94
CA LYS D 42 -31.86 -13.85 -6.85
C LYS D 42 -32.59 -14.87 -6.01
N GLY D 43 -33.35 -14.38 -5.04
CA GLY D 43 -34.09 -15.24 -4.13
C GLY D 43 -33.36 -15.70 -2.87
N CYS D 44 -32.06 -15.51 -2.74
CA CYS D 44 -31.33 -16.10 -1.63
C CYS D 44 -31.47 -15.11 -0.48
N LYS D 45 -31.75 -15.56 0.73
CA LYS D 45 -31.90 -14.59 1.83
C LYS D 45 -30.69 -14.52 2.67
N MET D 46 -29.61 -15.16 2.27
CA MET D 46 -28.43 -15.13 3.10
C MET D 46 -27.88 -13.71 3.21
N THR D 47 -27.46 -13.35 4.40
CA THR D 47 -26.79 -12.07 4.68
C THR D 47 -25.48 -12.34 5.44
N PHE D 48 -24.65 -11.33 5.55
CA PHE D 48 -23.31 -11.44 6.07
C PHE D 48 -22.88 -10.18 6.85
N LYS D 49 -21.88 -10.37 7.68
CA LYS D 49 -21.14 -9.34 8.29
C LYS D 49 -19.83 -9.06 7.64
N TRP D 50 -19.25 -10.08 6.96
CA TRP D 50 -17.95 -9.91 6.38
C TRP D 50 -17.97 -10.13 4.89
N ALA D 51 -17.22 -9.28 4.19
CA ALA D 51 -17.24 -9.30 2.74
C ALA D 51 -16.71 -10.69 2.18
N TRP D 52 -15.66 -11.21 2.79
CA TRP D 52 -15.10 -12.48 2.40
C TRP D 52 -16.13 -13.63 2.55
N SER D 53 -16.97 -13.67 3.61
CA SER D 53 -18.03 -14.70 3.65
C SER D 53 -18.93 -14.56 2.48
N ARG D 54 -19.31 -13.35 2.12
CA ARG D 54 -20.17 -13.18 0.93
C ARG D 54 -19.50 -13.73 -0.33
N THR D 55 -18.23 -13.43 -0.48
CA THR D 55 -17.47 -13.88 -1.66
C THR D 55 -17.45 -15.42 -1.76
N GLU D 56 -17.15 -16.09 -0.64
CA GLU D 56 -17.08 -17.56 -0.65
C GLU D 56 -18.46 -18.11 -0.85
N HIS D 57 -19.45 -17.52 -0.20
CA HIS D 57 -20.80 -18.00 -0.32
C HIS D 57 -21.33 -18.00 -1.76
N ILE D 58 -21.00 -16.97 -2.50
CA ILE D 58 -21.48 -16.90 -3.89
C ILE D 58 -21.12 -18.14 -4.72
N ARG D 59 -19.99 -18.75 -4.38
CA ARG D 59 -19.55 -19.97 -5.06
C ARG D 59 -20.42 -21.17 -4.84
N VAL D 60 -21.20 -21.18 -3.77
CA VAL D 60 -22.13 -22.28 -3.62
C VAL D 60 -23.23 -22.15 -4.64
N HIS D 61 -23.60 -20.94 -5.05
CA HIS D 61 -24.55 -20.75 -6.18
C HIS D 61 -23.89 -21.07 -7.52
N THR D 62 -22.68 -20.63 -7.79
CA THR D 62 -22.15 -20.74 -9.12
C THR D 62 -21.54 -22.14 -9.34
N GLY D 63 -21.12 -22.85 -8.31
CA GLY D 63 -20.52 -24.12 -8.45
C GLY D 63 -19.04 -23.96 -8.76
N ALA D 64 -18.48 -22.75 -8.76
CA ALA D 64 -17.05 -22.61 -9.10
C ALA D 64 -16.10 -23.33 -8.12
N ARG D 65 -14.96 -23.71 -8.61
CA ARG D 65 -13.92 -24.23 -7.81
C ARG D 65 -12.65 -23.50 -8.23
N PRO D 66 -12.51 -22.24 -7.78
CA PRO D 66 -11.38 -21.47 -8.30
C PRO D 66 -10.00 -21.82 -7.75
N TYR D 67 -9.85 -22.61 -6.71
CA TYR D 67 -8.52 -22.86 -6.19
C TYR D 67 -8.04 -24.12 -6.87
N VAL D 68 -6.99 -23.98 -7.66
CA VAL D 68 -6.48 -25.04 -8.55
C VAL D 68 -5.08 -25.36 -8.09
N CYS D 69 -4.84 -26.49 -7.42
CA CYS D 69 -3.45 -26.83 -6.97
C CYS D 69 -2.47 -26.87 -8.15
N ALA D 70 -1.30 -26.28 -7.95
CA ALA D 70 -0.32 -26.08 -9.03
C ALA D 70 0.64 -27.25 -9.07
N GLU D 71 0.79 -28.01 -8.00
CA GLU D 71 1.74 -29.16 -7.96
C GLU D 71 1.68 -30.01 -9.24
N PRO D 72 2.85 -30.32 -9.86
CA PRO D 72 2.78 -31.17 -11.07
C PRO D 72 1.96 -32.50 -10.85
N ASP D 73 0.95 -32.76 -11.73
CA ASP D 73 0.09 -33.97 -11.63
C ASP D 73 -0.89 -34.12 -10.38
N CYS D 74 -1.09 -33.05 -9.60
CA CYS D 74 -2.00 -33.09 -8.43
C CYS D 74 -3.38 -33.03 -9.03
N GLY D 75 -3.66 -31.99 -9.83
CA GLY D 75 -4.94 -31.90 -10.52
C GLY D 75 -6.16 -31.49 -9.63
N GLN D 76 -5.98 -31.33 -8.34
CA GLN D 76 -7.11 -31.14 -7.46
C GLN D 76 -7.59 -29.69 -7.48
N THR D 77 -8.90 -29.53 -7.40
CA THR D 77 -9.45 -28.19 -7.27
C THR D 77 -10.33 -28.04 -6.01
N PHE D 78 -10.56 -26.80 -5.55
CA PHE D 78 -11.36 -26.56 -4.33
C PHE D 78 -12.23 -25.32 -4.49
N ARG D 79 -13.40 -25.37 -3.88
CA ARG D 79 -14.36 -24.28 -3.90
C ARG D 79 -14.02 -23.22 -2.84
N PHE D 80 -13.45 -23.63 -1.70
CA PHE D 80 -13.25 -22.73 -0.57
C PHE D 80 -11.79 -22.64 -0.19
N VAL D 81 -11.37 -21.43 0.16
CA VAL D 81 -9.97 -21.18 0.41
C VAL D 81 -9.42 -22.02 1.55
N SER D 82 -10.20 -22.21 2.60
CA SER D 82 -9.72 -23.00 3.75
C SER D 82 -9.42 -24.43 3.27
N ASP D 83 -10.23 -24.94 2.35
CA ASP D 83 -10.02 -26.32 1.90
C ASP D 83 -8.69 -26.41 1.11
N PHE D 84 -8.39 -25.40 0.31
CA PHE D 84 -7.16 -25.34 -0.46
C PHE D 84 -5.96 -25.23 0.49
N SER D 85 -6.04 -24.31 1.46
CA SER D 85 -5.04 -24.25 2.51
C SER D 85 -4.81 -25.61 3.23
N ARG D 86 -5.86 -26.35 3.47
CA ARG D 86 -5.74 -27.60 4.18
C ARG D 86 -4.95 -28.60 3.33
N HIS D 87 -5.29 -28.66 2.06
CA HIS D 87 -4.62 -29.47 1.10
C HIS D 87 -3.12 -29.12 1.03
N LYS D 88 -2.77 -27.84 1.04
CA LYS D 88 -1.37 -27.41 1.00
C LYS D 88 -0.64 -27.84 2.27
N ARG D 89 -1.26 -27.75 3.45
CA ARG D 89 -0.63 -28.28 4.66
C ARG D 89 -0.44 -29.76 4.55
N LYS D 90 -1.50 -30.50 4.23
CA LYS D 90 -1.45 -31.98 4.23
C LYS D 90 -0.36 -32.46 3.30
N THR D 91 -0.31 -31.89 2.10
CA THR D 91 0.50 -32.42 1.05
C THR D 91 1.87 -31.77 0.82
N GLY D 92 2.12 -30.56 1.30
CA GLY D 92 3.25 -29.71 0.86
C GLY D 92 3.17 -29.03 -0.52
N HIS D 93 2.05 -29.18 -1.23
CA HIS D 93 1.91 -28.59 -2.58
C HIS D 93 1.85 -27.06 -2.51
N SER D 94 2.30 -26.38 -3.57
CA SER D 94 2.33 -24.90 -3.71
C SER D 94 3.01 -24.21 -2.53
#